data_9BCG
#
_entry.id   9BCG
#
_cell.length_a   99.453
_cell.length_b   136.858
_cell.length_c   38.624
_cell.angle_alpha   90
_cell.angle_beta   90
_cell.angle_gamma   90
#
_symmetry.space_group_name_H-M   'P 21 21 2'
#
loop_
_entity.id
_entity.type
_entity.pdbx_description
1 polymer 'Maltose/maltodextrin-binding periplasmic protein,Induced myeloid leukemia cell differentiation protein Mcl-1'
2 branched alpha-D-glucopyranose-(1-4)-alpha-D-glucopyranose
3 non-polymer '7-[(4R,5S,6P)-7-chloro-10-[3-(4-chloro-3,5-dimethylphenoxy)propyl]-4-methyl-1-oxo-6-(1,3,5-trimethyl-1H-pyrazol-4-yl)-3,4-dihydropyrazino[1,2-a]indol-2(1H)-yl]-4,5-dimethoxy-1-methyl-1H-indole-2-carboxylic acid'
4 water water
#
_entity_poly.entity_id   1
_entity_poly.type   'polypeptide(L)'
_entity_poly.pdbx_seq_one_letter_code
;AKIEEGKLVIWINGDKGYNGLAEVGKKFEKDTGIKVTVEHPDKLEEKFPQVAATGDGPDIIFWAHDRFGGYAQSGLLAEI
TPDKAFQDKLYPFTWDAVRYNGKLIAYPIAVEALSLIYNKDLLPNPPKTWEEIPALDKELKAKGKSALMFNLQEPYFTWP
LIAADGGYAFKYENKYDIKDVGVDNAGAKAGLTFLVDLIKNKHMNADTDYSIAEAAFNKGETAMTINGPWAWSNIDTSKV
NYGVTVLPTFKGQPSKPFVGVLSAGINAASPNKELAKEFLENYLLTDEGLEAVNKDKPLGAVALKSYEEELAKDPRIAAT
MENAQKGEIMPNIPQMSAFWYAVRTAVINAASGRQTVDEALKDAQTGSELYRQSLEIISRYLREQATGAADTAPMGASGA
TSRKALETLRRVGDGVQRNHETAFQGMLRKLDIKNEDDVKSLSRVMIHVFSDGVTNWGRIVTLISFGAFVAKHLKTINQE
SCIEPLAESITDVLVRTKRDWLVKQRGWDGFVEFFH
;
_entity_poly.pdbx_strand_id   A
#
loop_
_chem_comp.id
_chem_comp.type
_chem_comp.name
_chem_comp.formula
A1ALT non-polymer '7-[(4R,5S,6P)-7-chloro-10-[3-(4-chloro-3,5-dimethylphenoxy)propyl]-4-methyl-1-oxo-6-(1,3,5-trimethyl-1H-pyrazol-4-yl)-3,4-dihydropyrazino[1,2-a]indol-2(1H)-yl]-4,5-dimethoxy-1-methyl-1H-indole-2-carboxylic acid' 'C41 H43 Cl2 N5 O6'
GLC D-saccharide, alpha linking alpha-D-glucopyranose 'C6 H12 O6'
#
# COMPACT_ATOMS: atom_id res chain seq x y z
N ALA A 1 -0.10 -5.50 -26.18
CA ALA A 1 0.26 -4.40 -25.24
C ALA A 1 -0.38 -3.08 -25.71
N LYS A 2 -1.66 -3.15 -26.12
CA LYS A 2 -2.44 -1.96 -26.42
C LYS A 2 -3.90 -2.18 -26.07
N ILE A 3 -4.48 -1.21 -25.38
CA ILE A 3 -5.86 -1.33 -24.92
C ILE A 3 -6.79 -1.06 -26.10
N GLU A 4 -7.80 -1.93 -26.28
CA GLU A 4 -8.77 -1.83 -27.35
C GLU A 4 -9.67 -0.60 -27.17
N GLU A 5 -9.83 0.17 -28.25
CA GLU A 5 -10.75 1.29 -28.27
C GLU A 5 -12.16 0.75 -28.48
N GLY A 6 -13.19 1.42 -27.91
CA GLY A 6 -14.58 1.08 -28.22
C GLY A 6 -15.21 0.07 -27.27
N LYS A 7 -14.52 -0.27 -26.17
CA LYS A 7 -15.10 -1.01 -25.07
C LYS A 7 -14.43 -0.60 -23.77
N LEU A 8 -14.89 -1.18 -22.65
CA LEU A 8 -14.30 -0.93 -21.34
C LEU A 8 -13.99 -2.26 -20.67
N VAL A 9 -12.73 -2.41 -20.28
CA VAL A 9 -12.31 -3.51 -19.42
C VAL A 9 -12.05 -2.97 -18.01
N ILE A 10 -12.62 -3.64 -17.00
CA ILE A 10 -12.53 -3.20 -15.62
C ILE A 10 -11.97 -4.33 -14.77
N TRP A 11 -11.05 -3.98 -13.85
CA TRP A 11 -10.51 -4.88 -12.85
C TRP A 11 -10.96 -4.47 -11.45
N ILE A 12 -11.44 -5.45 -10.69
CA ILE A 12 -11.81 -5.26 -9.31
C ILE A 12 -11.49 -6.54 -8.56
N ASN A 13 -11.19 -6.43 -7.27
CA ASN A 13 -10.84 -7.59 -6.47
C ASN A 13 -12.00 -8.58 -6.32
N GLY A 14 -11.62 -9.86 -6.18
CA GLY A 14 -12.58 -10.96 -6.18
C GLY A 14 -13.42 -11.03 -4.91
N ASP A 15 -13.12 -10.23 -3.88
CA ASP A 15 -13.91 -10.17 -2.67
C ASP A 15 -15.00 -9.10 -2.75
N LYS A 16 -15.05 -8.31 -3.82
CA LYS A 16 -16.03 -7.25 -4.04
C LYS A 16 -17.15 -7.71 -4.97
N GLY A 17 -18.17 -6.86 -5.16
CA GLY A 17 -19.37 -7.25 -5.86
C GLY A 17 -19.20 -7.06 -7.37
N TYR A 18 -18.32 -7.87 -7.97
CA TYR A 18 -18.05 -7.73 -9.38
C TYR A 18 -19.25 -8.14 -10.22
N ASN A 19 -20.13 -9.01 -9.70
CA ASN A 19 -21.34 -9.38 -10.43
C ASN A 19 -22.29 -8.19 -10.49
N GLY A 20 -22.41 -7.45 -9.38
CA GLY A 20 -23.20 -6.24 -9.37
C GLY A 20 -22.61 -5.17 -10.29
N LEU A 21 -21.28 -5.08 -10.35
CA LEU A 21 -20.66 -4.06 -11.17
C LEU A 21 -20.97 -4.36 -12.64
N ALA A 22 -20.96 -5.64 -13.01
CA ALA A 22 -21.23 -6.07 -14.38
C ALA A 22 -22.66 -5.70 -14.75
N GLU A 23 -23.56 -5.68 -13.75
CA GLU A 23 -24.94 -5.33 -14.00
C GLU A 23 -25.00 -3.86 -14.40
N VAL A 24 -24.22 -3.02 -13.72
CA VAL A 24 -24.12 -1.61 -14.07
C VAL A 24 -23.54 -1.52 -15.49
N GLY A 25 -22.59 -2.39 -15.79
CA GLY A 25 -22.01 -2.53 -17.13
C GLY A 25 -23.04 -2.87 -18.21
N LYS A 26 -24.01 -3.73 -17.89
CA LYS A 26 -25.09 -4.06 -18.82
C LYS A 26 -25.98 -2.84 -19.06
N LYS A 27 -26.29 -2.07 -18.01
CA LYS A 27 -27.06 -0.86 -18.19
C LYS A 27 -26.32 0.14 -19.08
N PHE A 28 -25.00 0.22 -18.94
CA PHE A 28 -24.19 1.10 -19.79
C PHE A 28 -24.27 0.69 -21.26
N GLU A 29 -24.13 -0.61 -21.53
CA GLU A 29 -24.19 -1.16 -22.87
C GLU A 29 -25.56 -0.88 -23.49
N LYS A 30 -26.63 -1.09 -22.71
CA LYS A 30 -27.99 -0.89 -23.18
C LYS A 30 -28.19 0.54 -23.69
N ASP A 31 -27.56 1.54 -23.07
CA ASP A 31 -27.67 2.92 -23.52
C ASP A 31 -26.72 3.22 -24.67
N THR A 32 -25.47 2.74 -24.61
CA THR A 32 -24.41 3.30 -25.43
C THR A 32 -23.99 2.34 -26.55
N GLY A 33 -24.39 1.06 -26.46
CA GLY A 33 -23.83 0.02 -27.32
C GLY A 33 -22.41 -0.42 -26.96
N ILE A 34 -21.81 0.09 -25.87
CA ILE A 34 -20.46 -0.25 -25.49
CA ILE A 34 -20.46 -0.25 -25.49
C ILE A 34 -20.48 -1.42 -24.50
N LYS A 35 -19.73 -2.48 -24.81
CA LYS A 35 -19.62 -3.63 -23.93
C LYS A 35 -18.63 -3.31 -22.79
N VAL A 36 -19.02 -3.72 -21.58
CA VAL A 36 -18.19 -3.57 -20.40
C VAL A 36 -17.87 -4.96 -19.87
N THR A 37 -16.57 -5.28 -19.77
CA THR A 37 -16.12 -6.56 -19.26
C THR A 37 -15.47 -6.35 -17.89
N VAL A 38 -15.99 -7.07 -16.89
CA VAL A 38 -15.48 -6.99 -15.54
C VAL A 38 -14.65 -8.24 -15.27
N GLU A 39 -13.42 -8.05 -14.80
CA GLU A 39 -12.56 -9.17 -14.42
C GLU A 39 -12.06 -8.99 -13.00
N HIS A 40 -11.80 -10.12 -12.32
CA HIS A 40 -11.20 -10.14 -11.00
C HIS A 40 -9.93 -10.99 -10.94
N PRO A 41 -8.83 -10.63 -11.65
CA PRO A 41 -7.61 -11.41 -11.59
C PRO A 41 -7.00 -11.48 -10.20
N ASP A 42 -6.29 -12.59 -9.92
CA ASP A 42 -5.47 -12.73 -8.73
C ASP A 42 -4.36 -11.68 -8.77
N LYS A 43 -4.08 -11.09 -7.61
CA LYS A 43 -2.97 -10.17 -7.45
C LYS A 43 -3.10 -9.00 -8.41
N LEU A 44 -4.33 -8.51 -8.63
CA LEU A 44 -4.50 -7.48 -9.65
C LEU A 44 -3.72 -6.21 -9.29
N GLU A 45 -3.52 -5.96 -7.99
CA GLU A 45 -2.84 -4.76 -7.55
C GLU A 45 -1.34 -4.83 -7.87
N GLU A 46 -0.80 -6.06 -8.03
CA GLU A 46 0.59 -6.25 -8.43
C GLU A 46 0.66 -6.29 -9.96
N LYS A 47 -0.36 -6.85 -10.60
CA LYS A 47 -0.31 -6.95 -12.06
C LYS A 47 -0.49 -5.58 -12.72
N PHE A 48 -1.34 -4.72 -12.15
CA PHE A 48 -1.73 -3.51 -12.85
C PHE A 48 -0.48 -2.68 -13.16
N PRO A 49 0.41 -2.39 -12.17
CA PRO A 49 1.59 -1.57 -12.45
C PRO A 49 2.51 -2.13 -13.52
N GLN A 50 2.57 -3.46 -13.66
CA GLN A 50 3.44 -4.07 -14.66
C GLN A 50 2.86 -3.91 -16.06
N VAL A 51 1.59 -4.25 -16.22
CA VAL A 51 0.97 -4.22 -17.53
C VAL A 51 0.72 -2.78 -17.99
N ALA A 52 0.31 -1.89 -17.08
CA ALA A 52 0.02 -0.52 -17.45
C ALA A 52 1.30 0.19 -17.91
N ALA A 53 2.43 -0.18 -17.32
CA ALA A 53 3.72 0.39 -17.70
C ALA A 53 4.03 0.12 -19.18
N THR A 54 3.48 -0.95 -19.76
CA THR A 54 3.75 -1.24 -21.17
C THR A 54 2.62 -0.74 -22.05
N GLY A 55 1.69 0.05 -21.49
CA GLY A 55 0.56 0.58 -22.25
C GLY A 55 -0.60 -0.40 -22.36
N ASP A 56 -0.58 -1.44 -21.52
CA ASP A 56 -1.62 -2.46 -21.56
C ASP A 56 -2.46 -2.33 -20.28
N GLY A 57 -3.37 -3.30 -20.08
CA GLY A 57 -4.10 -3.45 -18.84
C GLY A 57 -5.55 -3.02 -19.02
N PRO A 58 -6.32 -2.90 -17.92
CA PRO A 58 -7.71 -2.48 -17.99
C PRO A 58 -7.86 -0.97 -18.21
N ASP A 59 -9.03 -0.57 -18.70
CA ASP A 59 -9.40 0.83 -18.76
C ASP A 59 -9.58 1.43 -17.38
N ILE A 60 -10.17 0.63 -16.47
CA ILE A 60 -10.45 1.07 -15.11
C ILE A 60 -9.89 0.05 -14.13
N ILE A 61 -9.22 0.53 -13.09
CA ILE A 61 -8.80 -0.33 -11.99
C ILE A 61 -9.44 0.12 -10.67
N PHE A 62 -10.01 -0.84 -9.93
CA PHE A 62 -10.54 -0.66 -8.59
C PHE A 62 -9.63 -1.27 -7.53
N TRP A 63 -9.31 -0.46 -6.51
CA TRP A 63 -8.58 -0.93 -5.34
C TRP A 63 -8.77 0.10 -4.23
N ALA A 64 -8.37 -0.21 -3.01
CA ALA A 64 -8.29 0.83 -2.00
C ALA A 64 -7.25 1.88 -2.43
N HIS A 65 -7.48 3.10 -1.95
CA HIS A 65 -6.77 4.29 -2.39
C HIS A 65 -5.27 4.24 -2.07
N ASP A 66 -4.89 3.36 -1.14
CA ASP A 66 -3.51 3.31 -0.69
C ASP A 66 -2.54 2.98 -1.84
N ARG A 67 -2.96 2.20 -2.83
CA ARG A 67 -2.03 1.81 -3.88
C ARG A 67 -1.89 2.88 -4.97
N PHE A 68 -2.78 3.88 -5.00
CA PHE A 68 -2.96 4.73 -6.18
C PHE A 68 -1.89 5.81 -6.31
N GLY A 69 -1.28 6.21 -5.20
CA GLY A 69 -0.18 7.17 -5.23
C GLY A 69 1.01 6.63 -6.05
N GLY A 70 1.38 5.36 -5.80
CA GLY A 70 2.41 4.68 -6.54
C GLY A 70 2.11 4.60 -8.04
N TYR A 71 0.87 4.25 -8.38
CA TYR A 71 0.46 4.20 -9.77
C TYR A 71 0.65 5.59 -10.41
N ALA A 72 0.11 6.62 -9.74
CA ALA A 72 0.15 7.98 -10.26
C ALA A 72 1.59 8.42 -10.44
N GLN A 73 2.42 8.20 -9.43
CA GLN A 73 3.82 8.61 -9.48
C GLN A 73 4.51 7.97 -10.69
N SER A 74 4.08 6.76 -11.07
CA SER A 74 4.68 6.05 -12.19
C SER A 74 4.04 6.43 -13.53
N GLY A 75 3.10 7.39 -13.52
CA GLY A 75 2.48 7.86 -14.75
C GLY A 75 1.37 6.96 -15.28
N LEU A 76 0.75 6.12 -14.43
CA LEU A 76 -0.14 5.09 -14.93
C LEU A 76 -1.62 5.50 -14.89
N LEU A 77 -1.93 6.68 -14.35
CA LEU A 77 -3.32 7.06 -14.10
C LEU A 77 -3.63 8.41 -14.74
N ALA A 78 -4.71 8.48 -15.53
CA ALA A 78 -5.29 9.73 -15.99
C ALA A 78 -5.75 10.63 -14.84
N GLU A 79 -5.45 11.92 -14.95
CA GLU A 79 -6.02 12.90 -14.05
C GLU A 79 -7.53 12.89 -14.24
N ILE A 80 -8.25 13.01 -13.11
CA ILE A 80 -9.71 13.02 -13.07
C ILE A 80 -10.13 14.48 -12.84
N THR A 81 -11.10 14.98 -13.63
CA THR A 81 -11.49 16.37 -13.56
C THR A 81 -13.01 16.45 -13.54
N PRO A 82 -13.67 16.03 -12.45
CA PRO A 82 -15.11 16.19 -12.35
C PRO A 82 -15.47 17.67 -12.26
N ASP A 83 -16.64 18.05 -12.81
CA ASP A 83 -17.16 19.40 -12.62
C ASP A 83 -17.59 19.55 -11.16
N LYS A 84 -17.81 20.79 -10.71
CA LYS A 84 -18.23 21.05 -9.35
C LYS A 84 -19.52 20.32 -9.05
N ALA A 85 -20.47 20.28 -9.99
CA ALA A 85 -21.73 19.64 -9.69
C ALA A 85 -21.53 18.17 -9.31
N PHE A 86 -20.53 17.50 -9.91
CA PHE A 86 -20.29 16.10 -9.60
C PHE A 86 -19.50 16.02 -8.30
N GLN A 87 -18.45 16.82 -8.14
CA GLN A 87 -17.66 16.76 -6.91
C GLN A 87 -18.50 16.96 -5.65
N ASP A 88 -19.45 17.90 -5.73
CA ASP A 88 -20.30 18.24 -4.59
C ASP A 88 -21.13 17.04 -4.16
N LYS A 89 -21.24 16.00 -4.99
CA LYS A 89 -22.08 14.86 -4.65
C LYS A 89 -21.39 13.85 -3.74
N LEU A 90 -20.06 13.97 -3.57
CA LEU A 90 -19.30 13.02 -2.76
C LEU A 90 -18.64 13.78 -1.61
N TYR A 91 -18.42 13.08 -0.49
CA TYR A 91 -17.88 13.71 0.70
C TYR A 91 -16.48 14.20 0.42
N PRO A 92 -16.16 15.44 0.83
CA PRO A 92 -14.85 16.00 0.61
C PRO A 92 -13.73 15.10 1.10
N PHE A 93 -13.94 14.38 2.20
CA PHE A 93 -12.85 13.59 2.74
C PHE A 93 -12.56 12.35 1.88
N THR A 94 -13.53 11.91 1.07
CA THR A 94 -13.27 10.82 0.15
C THR A 94 -12.43 11.30 -1.05
N TRP A 95 -12.71 12.50 -1.58
CA TRP A 95 -11.88 13.12 -2.60
C TRP A 95 -10.44 13.27 -2.11
N ASP A 96 -10.27 13.68 -0.85
CA ASP A 96 -8.96 13.88 -0.28
C ASP A 96 -8.11 12.61 -0.37
N ALA A 97 -8.76 11.45 -0.22
CA ALA A 97 -8.03 10.19 -0.19
C ALA A 97 -7.44 9.87 -1.57
N VAL A 98 -8.03 10.43 -2.65
CA VAL A 98 -7.59 10.14 -4.01
C VAL A 98 -6.90 11.36 -4.64
N ARG A 99 -6.38 12.25 -3.78
CA ARG A 99 -5.62 13.40 -4.23
C ARG A 99 -4.14 13.09 -4.07
N TYR A 100 -3.37 13.30 -5.14
CA TYR A 100 -1.93 13.06 -5.10
C TYR A 100 -1.21 14.21 -5.82
N ASN A 101 -0.29 14.86 -5.08
CA ASN A 101 0.45 16.01 -5.60
C ASN A 101 -0.50 17.01 -6.24
N GLY A 102 -1.57 17.36 -5.52
CA GLY A 102 -2.49 18.39 -5.94
C GLY A 102 -3.57 17.90 -6.91
N LYS A 103 -3.44 16.70 -7.49
CA LYS A 103 -4.35 16.29 -8.55
C LYS A 103 -5.20 15.10 -8.11
N LEU A 104 -6.46 15.07 -8.55
CA LEU A 104 -7.34 13.94 -8.33
C LEU A 104 -6.96 12.83 -9.32
N ILE A 105 -6.67 11.63 -8.78
CA ILE A 105 -6.16 10.54 -9.61
C ILE A 105 -7.12 9.33 -9.56
N ALA A 106 -8.31 9.47 -8.95
CA ALA A 106 -9.32 8.43 -9.05
C ALA A 106 -10.67 8.94 -8.56
N TYR A 107 -11.70 8.13 -8.78
CA TYR A 107 -13.01 8.40 -8.20
C TYR A 107 -13.12 7.62 -6.89
N PRO A 108 -13.43 8.26 -5.75
CA PRO A 108 -13.71 7.49 -4.56
C PRO A 108 -15.06 6.80 -4.66
N ILE A 109 -15.16 5.57 -4.14
CA ILE A 109 -16.39 4.80 -4.18
C ILE A 109 -16.94 4.60 -2.77
N ALA A 110 -16.14 4.08 -1.83
CA ALA A 110 -16.67 3.74 -0.53
C ALA A 110 -15.58 3.63 0.52
N VAL A 111 -15.94 3.89 1.78
CA VAL A 111 -15.06 3.83 2.92
C VAL A 111 -15.19 2.47 3.57
N GLU A 112 -14.04 1.83 3.80
CA GLU A 112 -13.94 0.47 4.30
C GLU A 112 -13.13 0.48 5.59
N ALA A 113 -13.69 -0.13 6.63
CA ALA A 113 -12.91 -0.38 7.83
C ALA A 113 -13.28 -1.77 8.33
N LEU A 114 -12.32 -2.42 8.99
CA LEU A 114 -12.58 -3.68 9.69
C LEU A 114 -13.43 -3.44 10.93
N SER A 115 -14.31 -4.42 11.22
CA SER A 115 -15.01 -4.51 12.47
C SER A 115 -14.86 -5.90 13.08
N LEU A 116 -15.26 -6.03 14.35
CA LEU A 116 -15.44 -7.33 14.98
C LEU A 116 -16.81 -7.89 14.61
N ILE A 117 -16.83 -9.08 14.05
CA ILE A 117 -18.06 -9.77 13.68
C ILE A 117 -18.20 -10.96 14.62
N TYR A 118 -19.38 -11.13 15.23
CA TYR A 118 -19.54 -12.12 16.28
C TYR A 118 -20.88 -12.85 16.14
N ASN A 119 -20.87 -14.12 16.56
CA ASN A 119 -22.02 -14.99 16.49
C ASN A 119 -22.82 -14.78 17.78
N LYS A 120 -24.01 -14.19 17.64
CA LYS A 120 -24.81 -13.81 18.80
C LYS A 120 -25.41 -15.04 19.51
N ASP A 121 -25.50 -16.18 18.82
CA ASP A 121 -25.98 -17.40 19.44
C ASP A 121 -24.92 -18.02 20.36
N LEU A 122 -23.62 -17.88 20.01
CA LEU A 122 -22.52 -18.37 20.81
C LEU A 122 -22.05 -17.37 21.85
N LEU A 123 -22.16 -16.08 21.49
CA LEU A 123 -21.53 -15.00 22.23
C LEU A 123 -22.45 -13.78 22.30
N PRO A 124 -23.47 -13.77 23.18
CA PRO A 124 -24.38 -12.64 23.26
C PRO A 124 -23.70 -11.34 23.64
N ASN A 125 -22.58 -11.42 24.37
CA ASN A 125 -21.82 -10.25 24.80
C ASN A 125 -20.38 -10.42 24.35
N PRO A 126 -20.03 -9.82 23.20
CA PRO A 126 -18.70 -9.95 22.65
C PRO A 126 -17.67 -9.26 23.54
N PRO A 127 -16.41 -9.71 23.54
CA PRO A 127 -15.41 -9.15 24.42
C PRO A 127 -15.08 -7.72 24.04
N LYS A 128 -14.83 -6.92 25.08
CA LYS A 128 -14.42 -5.54 24.93
C LYS A 128 -12.91 -5.45 24.80
N THR A 129 -12.18 -6.47 25.30
CA THR A 129 -10.73 -6.43 25.29
C THR A 129 -10.17 -7.62 24.53
N TRP A 130 -8.99 -7.42 23.93
CA TRP A 130 -8.20 -8.53 23.42
C TRP A 130 -7.78 -9.50 24.53
N GLU A 131 -7.47 -8.93 25.70
CA GLU A 131 -6.91 -9.65 26.84
C GLU A 131 -7.85 -10.73 27.35
N GLU A 132 -9.17 -10.55 27.19
CA GLU A 132 -10.08 -11.55 27.71
C GLU A 132 -10.34 -12.68 26.71
N ILE A 133 -9.74 -12.61 25.51
CA ILE A 133 -10.01 -13.62 24.50
C ILE A 133 -9.41 -14.98 24.86
N PRO A 134 -8.20 -15.10 25.43
CA PRO A 134 -7.69 -16.42 25.85
C PRO A 134 -8.66 -17.19 26.73
N ALA A 135 -9.21 -16.56 27.76
CA ALA A 135 -10.13 -17.23 28.67
C ALA A 135 -11.44 -17.60 27.95
N LEU A 136 -11.87 -16.70 27.05
CA LEU A 136 -13.08 -16.92 26.30
C LEU A 136 -12.93 -18.11 25.37
N ASP A 137 -11.73 -18.24 24.78
CA ASP A 137 -11.48 -19.38 23.90
C ASP A 137 -11.50 -20.67 24.72
N LYS A 138 -10.95 -20.64 25.93
CA LYS A 138 -10.92 -21.81 26.78
C LYS A 138 -12.34 -22.27 27.08
N GLU A 139 -13.25 -21.31 27.34
CA GLU A 139 -14.66 -21.59 27.56
C GLU A 139 -15.30 -22.21 26.34
N LEU A 140 -15.01 -21.66 25.16
CA LEU A 140 -15.64 -22.12 23.94
C LEU A 140 -15.06 -23.47 23.48
N LYS A 141 -13.77 -23.72 23.73
CA LYS A 141 -13.16 -25.01 23.46
C LYS A 141 -13.91 -26.16 24.17
N ALA A 142 -14.40 -25.92 25.40
CA ALA A 142 -15.17 -26.91 26.15
C ALA A 142 -16.49 -27.25 25.45
N LYS A 143 -16.96 -26.38 24.56
CA LYS A 143 -18.18 -26.62 23.81
C LYS A 143 -17.87 -27.16 22.43
N GLY A 144 -16.60 -27.39 22.12
CA GLY A 144 -16.25 -27.82 20.77
C GLY A 144 -16.19 -26.66 19.76
N LYS A 145 -15.91 -25.44 20.27
CA LYS A 145 -15.86 -24.26 19.42
C LYS A 145 -14.54 -23.52 19.67
N SER A 146 -14.36 -22.36 19.04
CA SER A 146 -13.25 -21.49 19.37
C SER A 146 -13.72 -20.04 19.40
N ALA A 147 -12.89 -19.14 19.97
CA ALA A 147 -13.28 -17.75 20.13
C ALA A 147 -13.17 -16.99 18.80
N LEU A 148 -12.01 -17.10 18.14
CA LEU A 148 -11.67 -16.13 17.11
C LEU A 148 -10.88 -16.75 15.97
N MET A 149 -11.30 -16.48 14.74
CA MET A 149 -10.47 -16.76 13.58
C MET A 149 -10.57 -15.64 12.56
N PHE A 150 -9.41 -15.19 12.07
CA PHE A 150 -9.32 -14.21 11.00
C PHE A 150 -8.06 -14.42 10.19
N ASN A 151 -8.01 -13.75 9.03
CA ASN A 151 -6.95 -13.95 8.04
C ASN A 151 -5.61 -13.50 8.63
N LEU A 152 -4.66 -14.44 8.78
CA LEU A 152 -3.33 -14.09 9.29
C LEU A 152 -2.30 -13.99 8.17
N GLN A 153 -2.73 -14.07 6.92
CA GLN A 153 -1.78 -14.06 5.82
C GLN A 153 -1.65 -12.66 5.22
N GLU A 154 -2.61 -11.77 5.54
CA GLU A 154 -2.58 -10.39 5.08
C GLU A 154 -2.49 -9.44 6.27
N PRO A 155 -1.47 -8.56 6.33
CA PRO A 155 -1.25 -7.69 7.47
C PRO A 155 -2.37 -6.67 7.76
N TYR A 156 -3.21 -6.36 6.77
CA TYR A 156 -4.38 -5.50 6.97
C TYR A 156 -5.21 -5.91 8.18
N PHE A 157 -5.31 -7.23 8.42
CA PHE A 157 -6.18 -7.77 9.46
C PHE A 157 -5.52 -7.72 10.84
N THR A 158 -4.17 -7.78 10.87
CA THR A 158 -3.43 -7.76 12.13
C THR A 158 -3.06 -6.32 12.54
N TRP A 159 -3.02 -5.39 11.58
CA TRP A 159 -2.62 -4.00 11.81
C TRP A 159 -3.41 -3.32 12.93
N PRO A 160 -4.74 -3.49 13.09
CA PRO A 160 -5.43 -2.79 14.17
C PRO A 160 -4.86 -3.05 15.56
N LEU A 161 -4.39 -4.30 15.80
CA LEU A 161 -3.80 -4.72 17.06
C LEU A 161 -2.38 -4.17 17.19
N ILE A 162 -1.63 -4.23 16.09
CA ILE A 162 -0.27 -3.71 16.07
C ILE A 162 -0.30 -2.21 16.37
N ALA A 163 -1.30 -1.49 15.88
CA ALA A 163 -1.29 -0.04 16.02
C ALA A 163 -1.85 0.41 17.37
N ALA A 164 -2.57 -0.48 18.08
CA ALA A 164 -3.36 -0.09 19.24
C ALA A 164 -2.51 0.62 20.30
N ASP A 165 -1.41 -0.02 20.68
CA ASP A 165 -0.57 0.48 21.76
C ASP A 165 0.57 1.37 21.27
N GLY A 166 0.58 1.78 19.99
CA GLY A 166 1.50 2.82 19.52
C GLY A 166 2.26 2.46 18.23
N GLY A 167 1.98 1.30 17.61
CA GLY A 167 2.56 1.04 16.31
C GLY A 167 1.99 2.00 15.25
N TYR A 168 2.80 2.41 14.26
CA TYR A 168 2.33 3.24 13.17
C TYR A 168 3.21 3.00 11.94
N ALA A 169 2.69 3.33 10.75
CA ALA A 169 3.48 3.24 9.53
C ALA A 169 4.36 4.48 9.38
N PHE A 170 3.80 5.57 8.84
CA PHE A 170 4.58 6.79 8.58
C PHE A 170 4.01 7.85 9.51
N LYS A 171 4.89 8.48 10.31
CA LYS A 171 4.49 9.47 11.30
C LYS A 171 3.80 10.64 10.61
N TYR A 172 2.64 11.05 11.13
CA TYR A 172 1.96 12.22 10.60
C TYR A 172 2.14 13.41 11.55
N GLU A 173 2.88 14.42 11.09
CA GLU A 173 3.06 15.66 11.84
C GLU A 173 3.27 16.78 10.82
N ASN A 174 2.21 17.57 10.60
CA ASN A 174 2.16 18.58 9.55
C ASN A 174 2.07 17.88 8.18
N LYS A 175 2.99 16.94 7.93
CA LYS A 175 2.94 16.04 6.78
C LYS A 175 3.29 14.63 7.28
N TYR A 176 3.64 13.75 6.34
CA TYR A 176 4.00 12.39 6.68
C TYR A 176 5.52 12.30 6.73
N ASP A 177 6.09 12.32 7.94
CA ASP A 177 7.52 12.09 8.06
C ASP A 177 7.81 10.67 7.57
N ILE A 178 7.99 10.50 6.25
CA ILE A 178 8.32 9.21 5.69
C ILE A 178 9.60 8.67 6.34
N LYS A 179 10.42 9.54 6.95
CA LYS A 179 11.65 9.04 7.56
C LYS A 179 11.35 8.39 8.92
N ASP A 180 10.24 8.80 9.55
CA ASP A 180 9.83 8.24 10.85
C ASP A 180 8.81 7.11 10.66
N VAL A 181 9.31 5.87 10.78
CA VAL A 181 8.48 4.70 10.63
C VAL A 181 8.40 3.98 11.97
N GLY A 182 7.18 3.58 12.36
CA GLY A 182 6.92 3.12 13.72
C GLY A 182 6.49 1.64 13.81
N VAL A 183 7.09 0.77 13.00
CA VAL A 183 6.68 -0.62 12.96
C VAL A 183 7.51 -1.44 13.96
N ASP A 184 8.58 -0.89 14.54
CA ASP A 184 9.34 -1.68 15.49
C ASP A 184 9.53 -0.97 16.83
N ASN A 185 8.55 -0.16 17.22
CA ASN A 185 8.57 0.46 18.53
C ASN A 185 7.90 -0.47 19.55
N ALA A 186 7.85 -0.02 20.79
CA ALA A 186 7.38 -0.86 21.89
C ALA A 186 5.89 -1.20 21.69
N GLY A 187 5.11 -0.31 21.12
CA GLY A 187 3.69 -0.55 20.89
C GLY A 187 3.45 -1.66 19.87
N ALA A 188 4.18 -1.57 18.75
CA ALA A 188 4.07 -2.55 17.69
C ALA A 188 4.51 -3.92 18.19
N LYS A 189 5.62 -3.97 18.93
CA LYS A 189 6.07 -5.22 19.52
C LYS A 189 5.01 -5.80 20.45
N ALA A 190 4.37 -4.96 21.27
CA ALA A 190 3.42 -5.48 22.24
C ALA A 190 2.22 -6.11 21.53
N GLY A 191 1.74 -5.48 20.46
CA GLY A 191 0.60 -5.99 19.72
C GLY A 191 0.92 -7.29 19.00
N LEU A 192 2.06 -7.35 18.32
CA LEU A 192 2.36 -8.53 17.54
C LEU A 192 2.68 -9.67 18.48
N THR A 193 3.30 -9.36 19.63
CA THR A 193 3.56 -10.38 20.63
C THR A 193 2.26 -11.01 21.13
N PHE A 194 1.24 -10.18 21.35
CA PHE A 194 -0.05 -10.67 21.81
C PHE A 194 -0.59 -11.67 20.79
N LEU A 195 -0.48 -11.36 19.51
CA LEU A 195 -0.95 -12.26 18.48
C LEU A 195 -0.15 -13.56 18.52
N VAL A 196 1.17 -13.46 18.65
CA VAL A 196 2.02 -14.64 18.59
C VAL A 196 1.73 -15.53 19.80
N ASP A 197 1.50 -14.93 20.98
CA ASP A 197 1.08 -15.68 22.17
C ASP A 197 -0.25 -16.40 21.95
N LEU A 198 -1.19 -15.79 21.23
CA LEU A 198 -2.46 -16.44 20.96
C LEU A 198 -2.21 -17.75 20.21
N ILE A 199 -1.27 -17.72 19.26
CA ILE A 199 -0.97 -18.86 18.43
C ILE A 199 -0.24 -19.90 19.28
N LYS A 200 0.80 -19.48 19.97
CA LYS A 200 1.53 -20.38 20.85
C LYS A 200 0.59 -21.11 21.83
N ASN A 201 -0.39 -20.38 22.38
CA ASN A 201 -1.32 -20.91 23.36
C ASN A 201 -2.50 -21.61 22.68
N LYS A 202 -2.42 -21.82 21.37
CA LYS A 202 -3.36 -22.64 20.61
C LYS A 202 -4.74 -22.02 20.59
N HIS A 203 -4.82 -20.68 20.69
CA HIS A 203 -6.07 -19.98 20.54
C HIS A 203 -6.30 -19.60 19.08
N MET A 204 -5.22 -19.57 18.28
CA MET A 204 -5.29 -19.34 16.85
C MET A 204 -4.21 -20.18 16.14
N ASN A 205 -4.31 -20.32 14.81
CA ASN A 205 -3.42 -21.15 14.01
C ASN A 205 -2.74 -20.26 12.98
N ALA A 206 -1.40 -20.30 12.94
CA ALA A 206 -0.63 -19.42 12.05
C ALA A 206 -1.04 -19.55 10.58
N ASP A 207 -1.63 -20.69 10.17
CA ASP A 207 -1.94 -20.95 8.77
C ASP A 207 -3.31 -20.43 8.36
N THR A 208 -4.09 -19.89 9.29
CA THR A 208 -5.43 -19.47 8.92
C THR A 208 -5.35 -18.35 7.90
N ASP A 209 -6.15 -18.46 6.83
CA ASP A 209 -6.24 -17.45 5.78
C ASP A 209 -7.68 -16.94 5.63
N TYR A 210 -7.93 -16.09 4.62
CA TYR A 210 -9.25 -15.51 4.43
C TYR A 210 -10.31 -16.62 4.37
N SER A 211 -10.08 -17.59 3.48
CA SER A 211 -11.04 -18.63 3.16
C SER A 211 -11.34 -19.50 4.38
N ILE A 212 -10.31 -19.87 5.15
CA ILE A 212 -10.47 -20.73 6.32
C ILE A 212 -11.26 -20.01 7.43
N ALA A 213 -10.94 -18.73 7.70
CA ALA A 213 -11.65 -18.01 8.76
C ALA A 213 -13.14 -17.81 8.39
N GLU A 214 -13.38 -17.49 7.12
CA GLU A 214 -14.71 -17.22 6.60
C GLU A 214 -15.58 -18.48 6.75
N ALA A 215 -15.03 -19.61 6.31
CA ALA A 215 -15.74 -20.89 6.38
C ALA A 215 -16.04 -21.27 7.82
N ALA A 216 -15.06 -21.08 8.72
CA ALA A 216 -15.23 -21.43 10.11
C ALA A 216 -16.33 -20.58 10.75
N PHE A 217 -16.31 -19.25 10.52
CA PHE A 217 -17.34 -18.38 11.09
C PHE A 217 -18.72 -18.71 10.52
N ASN A 218 -18.80 -18.84 9.18
CA ASN A 218 -20.07 -18.99 8.49
C ASN A 218 -20.66 -20.39 8.73
N LYS A 219 -19.88 -21.34 9.26
CA LYS A 219 -20.43 -22.63 9.65
C LYS A 219 -20.74 -22.70 11.15
N GLY A 220 -20.55 -21.59 11.87
CA GLY A 220 -20.77 -21.54 13.31
C GLY A 220 -19.71 -22.27 14.14
N GLU A 221 -18.49 -22.44 13.65
CA GLU A 221 -17.48 -23.16 14.40
C GLU A 221 -16.67 -22.24 15.32
N THR A 222 -16.57 -20.95 14.95
CA THR A 222 -15.82 -19.97 15.73
C THR A 222 -16.77 -18.81 16.02
N ALA A 223 -16.63 -18.22 17.21
CA ALA A 223 -17.60 -17.24 17.68
C ALA A 223 -17.34 -15.83 17.11
N MET A 224 -16.13 -15.57 16.56
CA MET A 224 -15.79 -14.22 16.12
C MET A 224 -14.89 -14.28 14.90
N THR A 225 -15.01 -13.26 14.04
CA THR A 225 -14.03 -13.02 12.98
C THR A 225 -13.79 -11.51 12.92
N ILE A 226 -12.74 -11.12 12.15
CA ILE A 226 -12.45 -9.72 11.84
C ILE A 226 -12.46 -9.58 10.32
N ASN A 227 -13.38 -8.76 9.81
CA ASN A 227 -13.53 -8.61 8.37
C ASN A 227 -14.22 -7.29 8.06
N GLY A 228 -14.34 -7.01 6.75
CA GLY A 228 -14.93 -5.78 6.26
C GLY A 228 -16.35 -5.99 5.76
N PRO A 229 -17.03 -4.90 5.31
CA PRO A 229 -18.40 -4.96 4.85
C PRO A 229 -18.66 -5.97 3.73
N TRP A 230 -17.68 -6.18 2.85
CA TRP A 230 -17.85 -7.07 1.71
C TRP A 230 -18.21 -8.48 2.18
N ALA A 231 -17.76 -8.84 3.38
CA ALA A 231 -17.98 -10.19 3.91
C ALA A 231 -19.43 -10.43 4.36
N TRP A 232 -20.21 -9.38 4.61
CA TRP A 232 -21.52 -9.57 5.22
C TRP A 232 -22.43 -10.47 4.37
N SER A 233 -22.37 -10.32 3.03
CA SER A 233 -23.19 -11.07 2.08
C SER A 233 -23.14 -12.56 2.36
N ASN A 234 -21.93 -13.11 2.41
CA ASN A 234 -21.79 -14.54 2.63
C ASN A 234 -22.28 -14.94 4.02
N ILE A 235 -22.20 -14.05 5.01
CA ILE A 235 -22.68 -14.40 6.33
C ILE A 235 -24.22 -14.42 6.29
N ASP A 236 -24.83 -13.47 5.58
CA ASP A 236 -26.27 -13.49 5.38
C ASP A 236 -26.71 -14.85 4.82
N THR A 237 -26.03 -15.29 3.76
CA THR A 237 -26.33 -16.56 3.11
C THR A 237 -26.23 -17.73 4.10
N SER A 238 -25.28 -17.69 5.05
CA SER A 238 -25.09 -18.78 5.99
C SER A 238 -26.19 -18.85 7.05
N LYS A 239 -26.88 -17.72 7.31
CA LYS A 239 -27.93 -17.61 8.32
C LYS A 239 -27.37 -17.71 9.74
N VAL A 240 -26.06 -17.51 9.91
CA VAL A 240 -25.54 -17.21 11.22
C VAL A 240 -26.20 -15.93 11.70
N ASN A 241 -26.57 -15.92 12.99
CA ASN A 241 -27.08 -14.74 13.66
C ASN A 241 -25.90 -13.92 14.15
N TYR A 242 -25.53 -12.88 13.40
CA TYR A 242 -24.28 -12.18 13.67
C TYR A 242 -24.55 -10.73 14.01
N GLY A 243 -23.59 -10.12 14.70
CA GLY A 243 -23.53 -8.70 14.90
C GLY A 243 -22.18 -8.18 14.40
N VAL A 244 -22.12 -6.86 14.26
CA VAL A 244 -20.92 -6.14 13.84
C VAL A 244 -20.64 -5.07 14.87
N THR A 245 -19.44 -5.02 15.44
CA THR A 245 -19.26 -4.13 16.57
C THR A 245 -17.82 -3.63 16.61
N VAL A 246 -17.53 -2.84 17.65
CA VAL A 246 -16.26 -2.17 17.77
C VAL A 246 -15.21 -3.23 18.06
N LEU A 247 -14.03 -3.07 17.47
CA LEU A 247 -12.98 -4.04 17.71
C LEU A 247 -12.63 -3.99 19.19
N PRO A 248 -12.01 -5.05 19.74
CA PRO A 248 -11.57 -5.02 21.14
C PRO A 248 -10.42 -4.04 21.36
N THR A 249 -10.32 -3.52 22.58
CA THR A 249 -9.17 -2.73 23.00
C THR A 249 -7.98 -3.64 23.31
N PHE A 250 -6.78 -3.06 23.20
CA PHE A 250 -5.54 -3.69 23.63
C PHE A 250 -4.82 -2.71 24.55
N LYS A 251 -4.46 -3.18 25.75
CA LYS A 251 -3.87 -2.34 26.79
C LYS A 251 -4.68 -1.07 27.06
N GLY A 252 -6.01 -1.20 27.05
CA GLY A 252 -6.89 -0.10 27.34
C GLY A 252 -7.07 0.89 26.18
N GLN A 253 -6.47 0.61 25.02
N GLN A 253 -6.45 0.61 25.03
CA GLN A 253 -6.52 1.54 23.90
CA GLN A 253 -6.48 1.54 23.89
C GLN A 253 -7.26 0.90 22.73
C GLN A 253 -7.26 0.90 22.74
N PRO A 254 -8.00 1.69 21.93
CA PRO A 254 -8.73 1.12 20.79
C PRO A 254 -7.81 0.52 19.73
N SER A 255 -8.27 -0.60 19.16
CA SER A 255 -7.70 -1.11 17.93
C SER A 255 -7.91 -0.05 16.85
N LYS A 256 -6.87 0.14 16.02
CA LYS A 256 -6.83 1.24 15.09
C LYS A 256 -6.68 0.68 13.67
N PRO A 257 -7.79 0.33 12.99
CA PRO A 257 -7.67 -0.20 11.64
C PRO A 257 -7.20 0.86 10.66
N PHE A 258 -6.42 0.45 9.67
CA PHE A 258 -6.10 1.33 8.56
C PHE A 258 -7.32 1.36 7.65
N VAL A 259 -7.85 2.56 7.42
CA VAL A 259 -9.09 2.76 6.68
C VAL A 259 -8.75 2.97 5.20
N GLY A 260 -9.46 2.23 4.35
CA GLY A 260 -9.26 2.32 2.91
C GLY A 260 -10.48 2.92 2.24
N VAL A 261 -10.25 3.65 1.14
CA VAL A 261 -11.33 4.13 0.28
C VAL A 261 -11.24 3.38 -1.05
N LEU A 262 -12.19 2.47 -1.28
CA LEU A 262 -12.28 1.78 -2.54
C LEU A 262 -12.41 2.87 -3.62
N SER A 263 -11.55 2.81 -4.64
CA SER A 263 -11.39 3.90 -5.59
C SER A 263 -11.26 3.33 -6.99
N ALA A 264 -11.70 4.11 -7.99
CA ALA A 264 -11.67 3.71 -9.39
C ALA A 264 -10.76 4.66 -10.17
N GLY A 265 -9.65 4.12 -10.69
CA GLY A 265 -8.68 4.87 -11.47
C GLY A 265 -8.80 4.54 -12.96
N ILE A 266 -8.43 5.52 -13.80
CA ILE A 266 -8.48 5.37 -15.24
C ILE A 266 -7.06 5.25 -15.79
N ASN A 267 -6.82 4.16 -16.53
CA ASN A 267 -5.50 3.85 -17.07
C ASN A 267 -5.05 4.97 -17.99
N ALA A 268 -3.91 5.58 -17.68
CA ALA A 268 -3.32 6.61 -18.54
C ALA A 268 -3.25 6.18 -20.01
N ALA A 269 -3.12 4.86 -20.29
CA ALA A 269 -2.97 4.42 -21.67
C ALA A 269 -4.31 4.05 -22.31
N SER A 270 -5.43 4.29 -21.61
CA SER A 270 -6.73 3.92 -22.17
C SER A 270 -7.12 4.90 -23.29
N PRO A 271 -7.60 4.42 -24.45
CA PRO A 271 -8.17 5.29 -25.47
C PRO A 271 -9.67 5.56 -25.23
N ASN A 272 -10.14 5.14 -24.06
CA ASN A 272 -11.56 5.17 -23.74
C ASN A 272 -11.82 6.03 -22.50
N LYS A 273 -11.06 7.12 -22.30
CA LYS A 273 -11.18 7.89 -21.07
C LYS A 273 -12.58 8.51 -20.90
N GLU A 274 -13.17 9.03 -21.97
CA GLU A 274 -14.48 9.66 -21.88
C GLU A 274 -15.53 8.59 -21.59
N LEU A 275 -15.42 7.41 -22.21
CA LEU A 275 -16.32 6.32 -21.88
C LEU A 275 -16.24 6.02 -20.39
N ALA A 276 -15.02 5.93 -19.87
CA ALA A 276 -14.76 5.57 -18.48
C ALA A 276 -15.34 6.61 -17.52
N LYS A 277 -15.14 7.89 -17.84
CA LYS A 277 -15.64 8.98 -17.03
C LYS A 277 -17.16 8.94 -17.01
N GLU A 278 -17.77 8.68 -18.17
CA GLU A 278 -19.23 8.58 -18.29
C GLU A 278 -19.75 7.43 -17.42
N PHE A 279 -19.11 6.26 -17.56
CA PHE A 279 -19.50 5.09 -16.78
C PHE A 279 -19.41 5.37 -15.29
N LEU A 280 -18.28 5.90 -14.82
CA LEU A 280 -18.09 6.08 -13.39
C LEU A 280 -19.02 7.16 -12.82
N GLU A 281 -19.08 8.36 -13.44
CA GLU A 281 -19.85 9.47 -12.93
C GLU A 281 -21.35 9.21 -13.02
N ASN A 282 -21.84 8.75 -14.18
CA ASN A 282 -23.26 8.79 -14.48
C ASN A 282 -23.91 7.42 -14.47
N TYR A 283 -23.12 6.35 -14.26
CA TYR A 283 -23.72 5.04 -14.04
C TYR A 283 -23.41 4.50 -12.64
N LEU A 284 -22.12 4.38 -12.30
CA LEU A 284 -21.75 3.73 -11.06
C LEU A 284 -22.07 4.63 -9.88
N LEU A 285 -21.58 5.86 -9.93
CA LEU A 285 -21.67 6.75 -8.79
C LEU A 285 -23.02 7.46 -8.80
N THR A 286 -24.08 6.65 -8.75
CA THR A 286 -25.47 7.04 -8.59
C THR A 286 -26.09 6.13 -7.55
N ASP A 287 -27.29 6.49 -7.06
CA ASP A 287 -27.99 5.68 -6.09
C ASP A 287 -28.18 4.27 -6.64
N GLU A 288 -28.59 4.17 -7.90
CA GLU A 288 -28.95 2.87 -8.45
C GLU A 288 -27.71 2.05 -8.83
N GLY A 289 -26.63 2.70 -9.22
CA GLY A 289 -25.40 1.99 -9.55
C GLY A 289 -24.78 1.38 -8.29
N LEU A 290 -24.67 2.21 -7.25
CA LEU A 290 -24.06 1.77 -6.01
C LEU A 290 -24.91 0.69 -5.34
N GLU A 291 -26.24 0.82 -5.45
CA GLU A 291 -27.10 -0.21 -4.86
C GLU A 291 -26.88 -1.56 -5.53
N ALA A 292 -26.76 -1.56 -6.87
CA ALA A 292 -26.56 -2.80 -7.62
C ALA A 292 -25.30 -3.51 -7.11
N VAL A 293 -24.21 -2.76 -6.89
CA VAL A 293 -22.96 -3.33 -6.39
C VAL A 293 -23.12 -3.76 -4.92
N ASN A 294 -23.71 -2.87 -4.09
CA ASN A 294 -23.89 -3.07 -2.67
C ASN A 294 -24.74 -4.31 -2.39
N LYS A 295 -25.75 -4.55 -3.21
CA LYS A 295 -26.61 -5.73 -3.06
C LYS A 295 -25.86 -7.02 -3.33
N ASP A 296 -24.80 -6.96 -4.14
CA ASP A 296 -23.97 -8.13 -4.39
C ASP A 296 -23.08 -8.32 -3.16
N LYS A 297 -22.21 -7.34 -2.90
CA LYS A 297 -21.35 -7.38 -1.72
C LYS A 297 -21.33 -5.97 -1.13
N PRO A 298 -21.65 -5.78 0.17
CA PRO A 298 -21.70 -4.43 0.73
C PRO A 298 -20.40 -3.65 0.56
N LEU A 299 -20.56 -2.39 0.15
CA LEU A 299 -19.42 -1.50 -0.12
C LEU A 299 -18.80 -0.88 1.14
N GLY A 300 -19.57 -0.77 2.22
CA GLY A 300 -19.24 0.12 3.33
C GLY A 300 -20.05 1.41 3.26
N ALA A 301 -19.48 2.46 3.84
CA ALA A 301 -20.05 3.79 3.82
C ALA A 301 -19.61 4.50 2.55
N VAL A 302 -20.56 4.56 1.60
CA VAL A 302 -20.29 5.02 0.25
C VAL A 302 -20.01 6.52 0.24
N ALA A 303 -19.25 6.91 -0.79
CA ALA A 303 -18.80 8.28 -0.98
C ALA A 303 -19.93 9.22 -1.42
N LEU A 304 -20.96 8.66 -2.07
CA LEU A 304 -22.08 9.43 -2.58
C LEU A 304 -23.05 9.73 -1.44
N LYS A 305 -23.17 11.01 -1.12
CA LYS A 305 -23.96 11.52 0.01
C LYS A 305 -25.39 11.03 -0.03
N SER A 306 -26.02 11.06 -1.20
CA SER A 306 -27.43 10.77 -1.26
C SER A 306 -27.68 9.32 -0.85
N TYR A 307 -26.82 8.42 -1.30
CA TYR A 307 -27.02 7.00 -0.98
C TYR A 307 -26.53 6.68 0.43
N GLU A 308 -25.50 7.38 0.93
CA GLU A 308 -24.96 7.08 2.25
C GLU A 308 -25.93 7.44 3.37
N GLU A 309 -26.77 8.45 3.13
CA GLU A 309 -27.77 8.87 4.10
C GLU A 309 -28.68 7.71 4.48
N GLU A 310 -29.03 6.87 3.50
CA GLU A 310 -29.78 5.65 3.73
C GLU A 310 -28.92 4.60 4.43
N LEU A 311 -27.70 4.36 3.93
CA LEU A 311 -26.90 3.26 4.46
C LEU A 311 -26.50 3.52 5.91
N ALA A 312 -26.31 4.78 6.29
CA ALA A 312 -25.82 5.15 7.61
C ALA A 312 -26.77 4.72 8.72
N LYS A 313 -28.01 4.40 8.40
CA LYS A 313 -28.98 4.04 9.42
C LYS A 313 -28.74 2.59 9.84
N ASP A 314 -27.99 1.85 9.03
CA ASP A 314 -27.71 0.45 9.29
C ASP A 314 -26.67 0.35 10.42
N PRO A 315 -26.98 -0.34 11.53
CA PRO A 315 -26.04 -0.47 12.64
C PRO A 315 -24.69 -1.10 12.29
N ARG A 316 -24.64 -1.95 11.24
CA ARG A 316 -23.38 -2.48 10.74
C ARG A 316 -22.49 -1.37 10.13
N ILE A 317 -23.11 -0.38 9.46
CA ILE A 317 -22.40 0.77 8.90
C ILE A 317 -21.95 1.71 10.01
N ALA A 318 -22.82 1.95 11.02
CA ALA A 318 -22.43 2.75 12.16
C ALA A 318 -21.22 2.13 12.85
N ALA A 319 -21.22 0.80 13.00
CA ALA A 319 -20.08 0.11 13.60
C ALA A 319 -18.81 0.26 12.76
N THR A 320 -18.97 0.14 11.43
CA THR A 320 -17.89 0.36 10.49
C THR A 320 -17.27 1.73 10.71
N MET A 321 -18.10 2.78 10.77
CA MET A 321 -17.62 4.15 10.91
C MET A 321 -17.05 4.43 12.31
N GLU A 322 -17.53 3.72 13.32
CA GLU A 322 -16.96 3.85 14.65
C GLU A 322 -15.54 3.32 14.65
N ASN A 323 -15.35 2.15 14.03
CA ASN A 323 -14.03 1.56 13.96
C ASN A 323 -13.12 2.46 13.12
N ALA A 324 -13.68 3.07 12.06
CA ALA A 324 -12.88 3.90 11.17
C ALA A 324 -12.36 5.13 11.93
N GLN A 325 -13.21 5.73 12.77
CA GLN A 325 -12.89 6.93 13.50
C GLN A 325 -11.82 6.63 14.54
N LYS A 326 -11.77 5.40 15.04
CA LYS A 326 -10.72 4.99 15.96
C LYS A 326 -9.43 4.65 15.21
N GLY A 327 -9.53 4.40 13.90
CA GLY A 327 -8.36 4.05 13.11
C GLY A 327 -7.81 5.27 12.39
N GLU A 328 -7.09 5.04 11.29
CA GLU A 328 -6.56 6.15 10.48
C GLU A 328 -6.69 5.83 9.00
N ILE A 329 -7.03 6.86 8.22
CA ILE A 329 -7.01 6.78 6.78
C ILE A 329 -5.62 6.42 6.31
N MET A 330 -5.51 5.45 5.40
CA MET A 330 -4.19 5.05 4.91
C MET A 330 -3.56 6.20 4.11
N PRO A 331 -2.23 6.38 4.20
CA PRO A 331 -1.49 7.12 3.19
C PRO A 331 -1.64 6.50 1.80
N ASN A 332 -1.46 7.35 0.77
CA ASN A 332 -1.48 6.93 -0.61
C ASN A 332 -0.09 7.10 -1.23
N ILE A 333 0.91 7.43 -0.40
CA ILE A 333 2.28 7.65 -0.83
C ILE A 333 2.84 6.38 -1.49
N PRO A 334 3.79 6.55 -2.44
CA PRO A 334 4.34 5.44 -3.20
C PRO A 334 4.93 4.30 -2.39
N GLN A 335 5.44 4.59 -1.19
CA GLN A 335 6.14 3.58 -0.40
C GLN A 335 5.16 2.69 0.38
N MET A 336 3.84 2.83 0.22
CA MET A 336 2.90 2.00 0.96
C MET A 336 3.02 0.54 0.56
N SER A 337 3.24 0.29 -0.74
CA SER A 337 3.49 -1.05 -1.26
CA SER A 337 3.48 -1.05 -1.27
C SER A 337 4.58 -1.74 -0.45
N ALA A 338 5.74 -1.05 -0.33
CA ALA A 338 6.91 -1.61 0.33
C ALA A 338 6.61 -1.85 1.81
N PHE A 339 5.93 -0.91 2.45
CA PHE A 339 5.50 -1.06 3.83
C PHE A 339 4.65 -2.34 4.01
N TRP A 340 3.66 -2.53 3.14
CA TRP A 340 2.74 -3.67 3.27
C TRP A 340 3.48 -4.98 3.05
N TYR A 341 4.37 -5.01 2.06
CA TYR A 341 5.19 -6.19 1.78
C TYR A 341 6.05 -6.55 3.00
N ALA A 342 6.67 -5.55 3.63
CA ALA A 342 7.53 -5.79 4.79
C ALA A 342 6.73 -6.29 5.99
N VAL A 343 5.61 -5.65 6.28
CA VAL A 343 4.82 -6.02 7.44
C VAL A 343 4.16 -7.38 7.21
N ARG A 344 3.77 -7.70 5.97
CA ARG A 344 3.19 -9.00 5.66
C ARG A 344 4.17 -10.09 6.08
N THR A 345 5.42 -9.96 5.63
CA THR A 345 6.48 -10.93 5.88
C THR A 345 6.71 -11.03 7.39
N ALA A 346 6.73 -9.88 8.08
CA ALA A 346 6.97 -9.88 9.51
C ALA A 346 5.88 -10.65 10.25
N VAL A 347 4.59 -10.44 9.87
CA VAL A 347 3.50 -11.07 10.62
C VAL A 347 3.57 -12.59 10.42
N ILE A 348 3.74 -13.01 9.17
CA ILE A 348 3.80 -14.41 8.80
C ILE A 348 4.96 -15.11 9.51
N ASN A 349 6.13 -14.45 9.50
CA ASN A 349 7.34 -15.02 10.04
C ASN A 349 7.22 -15.12 11.56
N ALA A 350 6.67 -14.10 12.22
CA ALA A 350 6.55 -14.14 13.68
C ALA A 350 5.51 -15.18 14.10
N ALA A 351 4.45 -15.31 13.31
CA ALA A 351 3.37 -16.25 13.58
C ALA A 351 3.85 -17.69 13.45
N SER A 352 4.67 -17.94 12.43
CA SER A 352 5.19 -19.28 12.12
C SER A 352 6.34 -19.67 13.05
N GLY A 353 6.94 -18.70 13.75
CA GLY A 353 8.13 -18.96 14.53
C GLY A 353 9.42 -18.87 13.72
N ARG A 354 9.35 -18.59 12.42
CA ARG A 354 10.56 -18.43 11.60
C ARG A 354 11.44 -17.29 12.08
N GLN A 355 10.82 -16.24 12.66
CA GLN A 355 11.53 -15.15 13.29
C GLN A 355 10.90 -14.87 14.65
N THR A 356 11.67 -14.31 15.59
CA THR A 356 11.07 -13.70 16.76
C THR A 356 10.35 -12.42 16.35
N VAL A 357 9.49 -11.92 17.24
CA VAL A 357 8.82 -10.65 17.05
C VAL A 357 9.82 -9.52 16.82
N ASP A 358 10.88 -9.45 17.64
CA ASP A 358 11.89 -8.40 17.50
C ASP A 358 12.61 -8.53 16.16
N GLU A 359 12.97 -9.76 15.75
CA GLU A 359 13.64 -9.97 14.49
C GLU A 359 12.74 -9.56 13.33
N ALA A 360 11.47 -10.01 13.40
CA ALA A 360 10.51 -9.78 12.33
C ALA A 360 10.24 -8.30 12.11
N LEU A 361 10.01 -7.53 13.18
CA LEU A 361 9.64 -6.13 13.08
C LEU A 361 10.86 -5.25 12.75
N LYS A 362 12.04 -5.62 13.24
CA LYS A 362 13.26 -4.95 12.80
C LYS A 362 13.37 -4.99 11.27
N ASP A 363 13.18 -6.16 10.65
CA ASP A 363 13.29 -6.32 9.21
C ASP A 363 12.23 -5.46 8.51
N ALA A 364 11.01 -5.42 9.10
CA ALA A 364 9.94 -4.61 8.56
C ALA A 364 10.33 -3.14 8.56
N GLN A 365 10.99 -2.70 9.62
CA GLN A 365 11.40 -1.30 9.74
C GLN A 365 12.39 -0.97 8.63
N THR A 366 13.42 -1.81 8.49
CA THR A 366 14.46 -1.65 7.49
C THR A 366 13.82 -1.57 6.10
N GLY A 367 12.88 -2.50 5.85
CA GLY A 367 12.21 -2.60 4.57
C GLY A 367 11.35 -1.37 4.27
N SER A 368 10.61 -0.88 5.27
CA SER A 368 9.73 0.28 5.07
C SER A 368 10.53 1.58 4.88
N GLU A 369 11.69 1.70 5.51
CA GLU A 369 12.50 2.92 5.48
C GLU A 369 13.48 2.98 4.29
N LEU A 370 13.59 1.88 3.55
CA LEU A 370 14.71 1.69 2.65
C LEU A 370 14.71 2.73 1.51
N TYR A 371 13.51 3.00 0.99
CA TYR A 371 13.37 3.99 -0.07
C TYR A 371 13.93 5.33 0.37
N ARG A 372 13.40 5.87 1.47
CA ARG A 372 13.76 7.21 1.90
C ARG A 372 15.23 7.34 2.35
N GLN A 373 15.71 6.32 3.07
CA GLN A 373 17.07 6.31 3.56
C GLN A 373 18.02 6.33 2.37
N SER A 374 17.73 5.49 1.38
CA SER A 374 18.52 5.42 0.18
C SER A 374 18.52 6.78 -0.55
N LEU A 375 17.37 7.41 -0.65
CA LEU A 375 17.26 8.64 -1.43
C LEU A 375 18.06 9.74 -0.76
N GLU A 376 18.01 9.82 0.58
CA GLU A 376 18.73 10.83 1.34
C GLU A 376 20.21 10.76 1.00
N ILE A 377 20.73 9.54 1.01
CA ILE A 377 22.14 9.27 0.80
C ILE A 377 22.52 9.64 -0.64
N ILE A 378 21.75 9.11 -1.59
CA ILE A 378 22.06 9.26 -3.00
C ILE A 378 21.88 10.70 -3.46
N SER A 379 20.79 11.37 -3.03
CA SER A 379 20.54 12.76 -3.39
CA SER A 379 20.52 12.76 -3.36
C SER A 379 21.68 13.64 -2.86
N ARG A 380 22.02 13.50 -1.58
CA ARG A 380 23.04 14.35 -1.00
C ARG A 380 24.37 14.12 -1.71
N TYR A 381 24.73 12.87 -1.99
CA TYR A 381 26.01 12.59 -2.64
C TYR A 381 26.06 13.21 -4.04
N LEU A 382 24.99 13.01 -4.80
CA LEU A 382 24.89 13.57 -6.14
C LEU A 382 25.06 15.08 -6.12
N ARG A 383 24.34 15.78 -5.23
CA ARG A 383 24.32 17.23 -5.22
C ARG A 383 25.64 17.81 -4.73
N GLU A 384 26.27 17.17 -3.74
CA GLU A 384 27.55 17.70 -3.22
C GLU A 384 28.68 17.50 -4.23
N GLN A 385 28.65 16.35 -4.91
CA GLN A 385 29.54 16.07 -6.03
C GLN A 385 29.39 17.15 -7.11
N ALA A 386 28.16 17.41 -7.53
CA ALA A 386 27.90 18.35 -8.62
C ALA A 386 28.26 19.79 -8.22
N THR A 387 28.02 20.21 -6.96
CA THR A 387 28.12 21.62 -6.58
C THR A 387 29.45 21.93 -5.91
N GLY A 388 30.11 20.92 -5.34
CA GLY A 388 31.35 21.13 -4.60
C GLY A 388 31.14 21.43 -3.11
N ALA A 389 29.88 21.56 -2.66
CA ALA A 389 29.61 21.88 -1.27
C ALA A 389 28.51 20.97 -0.73
N ALA A 390 28.62 20.60 0.56
CA ALA A 390 27.70 19.66 1.17
C ALA A 390 26.37 20.32 1.54
N ASP A 391 25.33 19.50 1.70
CA ASP A 391 24.03 19.99 2.16
C ASP A 391 24.09 20.11 3.68
N THR A 392 23.68 21.26 4.20
CA THR A 392 23.86 21.56 5.62
C THR A 392 22.66 21.08 6.46
N ALA A 393 21.55 20.72 5.81
CA ALA A 393 20.29 20.53 6.52
C ALA A 393 20.35 19.27 7.38
N PRO A 394 19.62 19.22 8.50
CA PRO A 394 19.61 18.01 9.34
C PRO A 394 19.15 16.75 8.61
N MET A 395 19.86 15.63 8.86
CA MET A 395 19.48 14.31 8.38
C MET A 395 18.06 13.99 8.85
N GLY A 396 17.90 13.64 10.14
CA GLY A 396 16.60 13.32 10.72
C GLY A 396 16.64 11.96 11.41
N ALA A 397 15.46 11.33 11.55
CA ALA A 397 15.31 9.97 12.02
C ALA A 397 16.38 9.07 11.40
N SER A 398 16.96 8.20 12.24
CA SER A 398 18.06 7.32 11.86
C SER A 398 19.11 8.10 11.06
N GLY A 399 19.46 9.26 11.63
CA GLY A 399 20.34 10.21 10.99
C GLY A 399 21.79 9.76 11.02
N ALA A 400 22.11 8.88 12.01
CA ALA A 400 23.47 8.36 12.09
C ALA A 400 23.76 7.45 10.90
N THR A 401 22.82 6.54 10.57
CA THR A 401 22.99 5.65 9.43
C THR A 401 23.22 6.46 8.15
N SER A 402 22.34 7.43 7.90
CA SER A 402 22.46 8.32 6.76
C SER A 402 23.83 8.96 6.73
N ARG A 403 24.21 9.63 7.83
CA ARG A 403 25.45 10.36 7.88
C ARG A 403 26.62 9.40 7.65
N LYS A 404 26.58 8.25 8.32
CA LYS A 404 27.71 7.34 8.26
C LYS A 404 27.79 6.73 6.85
N ALA A 405 26.64 6.44 6.26
CA ALA A 405 26.63 5.88 4.90
C ALA A 405 27.19 6.89 3.90
N LEU A 406 26.82 8.17 4.05
CA LEU A 406 27.32 9.23 3.18
C LEU A 406 28.81 9.42 3.38
N GLU A 407 29.29 9.34 4.64
CA GLU A 407 30.72 9.39 4.94
C GLU A 407 31.47 8.29 4.21
N THR A 408 30.92 7.07 4.29
CA THR A 408 31.54 5.89 3.70
C THR A 408 31.51 6.03 2.18
N LEU A 409 30.38 6.47 1.66
CA LEU A 409 30.21 6.66 0.22
C LEU A 409 31.26 7.64 -0.31
N ARG A 410 31.47 8.74 0.39
CA ARG A 410 32.45 9.71 -0.06
C ARG A 410 33.82 9.03 -0.18
N ARG A 411 34.19 8.27 0.84
CA ARG A 411 35.50 7.66 0.92
C ARG A 411 35.65 6.63 -0.19
N VAL A 412 34.67 5.73 -0.30
CA VAL A 412 34.78 4.58 -1.18
C VAL A 412 34.45 4.96 -2.63
N GLY A 413 33.65 6.02 -2.81
CA GLY A 413 33.28 6.50 -4.13
C GLY A 413 34.32 7.42 -4.75
N ASP A 414 35.30 7.87 -3.96
CA ASP A 414 36.31 8.82 -4.44
C ASP A 414 37.05 8.17 -5.60
N GLY A 415 37.60 7.00 -5.34
CA GLY A 415 38.36 6.28 -6.35
C GLY A 415 37.59 6.14 -7.67
N VAL A 416 36.30 5.83 -7.57
CA VAL A 416 35.61 5.09 -8.60
C VAL A 416 35.50 5.92 -9.87
N GLN A 417 35.08 7.18 -9.74
CA GLN A 417 34.90 8.03 -10.90
C GLN A 417 36.22 8.26 -11.63
N ARG A 418 37.32 8.40 -10.89
CA ARG A 418 38.64 8.58 -11.47
C ARG A 418 39.05 7.31 -12.22
N ASN A 419 38.94 6.19 -11.50
CA ASN A 419 39.35 4.89 -11.99
C ASN A 419 38.59 4.47 -13.25
N HIS A 420 37.32 4.87 -13.41
CA HIS A 420 36.53 4.50 -14.56
C HIS A 420 36.16 5.71 -15.43
N GLU A 421 37.02 6.74 -15.41
CA GLU A 421 36.73 7.99 -16.09
C GLU A 421 36.39 7.80 -17.56
N THR A 422 37.20 6.97 -18.24
CA THR A 422 37.08 6.79 -19.69
C THR A 422 35.73 6.13 -20.02
N ALA A 423 35.43 5.03 -19.34
CA ALA A 423 34.17 4.34 -19.58
C ALA A 423 32.99 5.24 -19.19
N PHE A 424 33.12 5.99 -18.09
CA PHE A 424 32.07 6.92 -17.66
C PHE A 424 31.87 8.04 -18.70
N GLN A 425 32.98 8.54 -19.24
CA GLN A 425 32.92 9.57 -20.27
C GLN A 425 32.23 9.05 -21.52
N GLY A 426 32.59 7.83 -21.95
CA GLY A 426 32.00 7.22 -23.13
C GLY A 426 30.51 6.96 -22.95
N MET A 427 30.12 6.48 -21.78
CA MET A 427 28.73 6.19 -21.54
C MET A 427 27.95 7.51 -21.50
N LEU A 428 28.55 8.53 -20.91
CA LEU A 428 27.90 9.83 -20.80
C LEU A 428 27.51 10.37 -22.18
N ARG A 429 28.43 10.27 -23.16
CA ARG A 429 28.22 10.80 -24.50
C ARG A 429 27.14 10.04 -25.25
N LYS A 430 27.18 8.69 -25.16
CA LYS A 430 26.18 7.84 -25.78
C LYS A 430 24.79 8.12 -25.23
N LEU A 431 24.68 8.65 -24.00
CA LEU A 431 23.38 8.83 -23.37
C LEU A 431 22.80 10.19 -23.73
N ASP A 432 23.68 11.15 -24.05
CA ASP A 432 23.26 12.48 -24.48
C ASP A 432 22.14 12.97 -23.57
N ILE A 433 22.51 13.38 -22.36
CA ILE A 433 21.56 13.88 -21.37
C ILE A 433 21.54 15.39 -21.44
N LYS A 434 20.35 15.96 -21.70
CA LYS A 434 20.23 17.38 -21.95
C LYS A 434 19.16 18.02 -21.06
N ASN A 435 18.14 17.24 -20.69
CA ASN A 435 17.00 17.80 -19.99
C ASN A 435 16.35 16.78 -19.06
N GLU A 436 15.29 17.23 -18.39
CA GLU A 436 14.54 16.39 -17.48
C GLU A 436 13.90 15.21 -18.21
N ASP A 437 13.49 15.40 -19.46
CA ASP A 437 12.84 14.34 -20.23
C ASP A 437 13.81 13.19 -20.47
N ASP A 438 15.03 13.54 -20.92
CA ASP A 438 16.10 12.58 -21.10
C ASP A 438 16.33 11.77 -19.82
N VAL A 439 16.40 12.47 -18.67
CA VAL A 439 16.65 11.85 -17.38
C VAL A 439 15.60 10.78 -17.11
N LYS A 440 14.33 11.08 -17.44
CA LYS A 440 13.21 10.21 -17.11
C LYS A 440 13.29 8.94 -17.95
N SER A 441 14.03 8.99 -19.05
CA SER A 441 14.12 7.85 -19.95
C SER A 441 15.23 6.87 -19.54
N LEU A 442 16.17 7.31 -18.68
CA LEU A 442 17.41 6.57 -18.37
C LEU A 442 17.15 5.26 -17.65
N SER A 443 15.99 5.20 -16.99
CA SER A 443 15.64 4.08 -16.16
C SER A 443 15.92 2.74 -16.84
N ARG A 444 15.66 2.64 -18.15
CA ARG A 444 15.71 1.36 -18.85
C ARG A 444 17.17 0.92 -19.03
N VAL A 445 18.00 1.83 -19.56
CA VAL A 445 19.43 1.59 -19.74
C VAL A 445 20.05 1.22 -18.39
N MET A 446 19.68 1.99 -17.35
CA MET A 446 20.23 1.85 -16.01
C MET A 446 19.96 0.46 -15.47
N ILE A 447 18.68 0.02 -15.52
CA ILE A 447 18.30 -1.33 -15.11
C ILE A 447 19.15 -2.36 -15.85
N HIS A 448 19.28 -2.18 -17.17
CA HIS A 448 19.99 -3.12 -18.01
C HIS A 448 21.46 -3.24 -17.56
N VAL A 449 22.13 -2.12 -17.32
CA VAL A 449 23.54 -2.16 -16.97
C VAL A 449 23.73 -2.75 -15.57
N PHE A 450 22.74 -2.58 -14.69
CA PHE A 450 22.81 -3.06 -13.32
C PHE A 450 22.15 -4.45 -13.19
N SER A 451 21.83 -5.08 -14.33
CA SER A 451 21.12 -6.36 -14.36
C SER A 451 22.14 -7.50 -14.40
N ASP A 452 21.72 -8.73 -14.02
CA ASP A 452 22.56 -9.90 -14.17
C ASP A 452 23.80 -9.73 -13.28
N GLY A 453 24.91 -10.38 -13.64
CA GLY A 453 26.09 -10.42 -12.81
C GLY A 453 25.78 -10.75 -11.35
N VAL A 454 26.60 -10.20 -10.44
CA VAL A 454 26.41 -10.40 -9.01
C VAL A 454 25.87 -9.12 -8.38
N THR A 455 25.35 -9.28 -7.16
CA THR A 455 24.99 -8.15 -6.32
C THR A 455 26.02 -8.02 -5.22
N ASN A 456 26.60 -6.83 -5.07
CA ASN A 456 27.50 -6.51 -3.98
C ASN A 456 27.49 -4.99 -3.79
N TRP A 457 28.13 -4.52 -2.70
CA TRP A 457 28.14 -3.10 -2.37
C TRP A 457 28.99 -2.31 -3.37
N GLY A 458 30.00 -2.96 -3.94
CA GLY A 458 30.90 -2.31 -4.87
C GLY A 458 30.14 -1.85 -6.10
N ARG A 459 29.26 -2.74 -6.55
CA ARG A 459 28.47 -2.52 -7.74
C ARG A 459 27.45 -1.42 -7.45
N ILE A 460 26.90 -1.44 -6.24
CA ILE A 460 25.99 -0.39 -5.81
C ILE A 460 26.71 0.96 -5.79
N VAL A 461 27.95 0.97 -5.31
CA VAL A 461 28.75 2.19 -5.33
C VAL A 461 28.97 2.64 -6.77
N THR A 462 29.18 1.69 -7.69
CA THR A 462 29.46 2.01 -9.09
C THR A 462 28.22 2.69 -9.69
N LEU A 463 27.04 2.10 -9.45
CA LEU A 463 25.76 2.68 -9.84
C LEU A 463 25.69 4.15 -9.41
N ILE A 464 25.93 4.41 -8.11
CA ILE A 464 25.74 5.73 -7.56
C ILE A 464 26.84 6.65 -8.06
N SER A 465 28.07 6.14 -8.21
CA SER A 465 29.20 6.95 -8.65
C SER A 465 28.96 7.49 -10.05
N PHE A 466 28.42 6.65 -10.96
CA PHE A 466 28.12 7.14 -12.30
C PHE A 466 27.02 8.20 -12.19
N GLY A 467 26.05 7.97 -11.30
CA GLY A 467 25.08 8.98 -10.95
C GLY A 467 25.74 10.33 -10.67
N ALA A 468 26.78 10.33 -9.82
CA ALA A 468 27.41 11.57 -9.43
C ALA A 468 28.11 12.17 -10.64
N PHE A 469 28.61 11.30 -11.52
CA PHE A 469 29.33 11.69 -12.72
C PHE A 469 28.39 12.43 -13.68
N VAL A 470 27.20 11.88 -13.83
CA VAL A 470 26.13 12.53 -14.58
C VAL A 470 25.68 13.82 -13.87
N ALA A 471 25.52 13.81 -12.54
CA ALA A 471 25.07 15.01 -11.84
C ALA A 471 26.03 16.18 -12.08
N LYS A 472 27.34 15.89 -12.03
CA LYS A 472 28.35 16.92 -12.25
C LYS A 472 28.19 17.57 -13.62
N HIS A 473 27.89 16.73 -14.62
CA HIS A 473 27.64 17.20 -15.97
C HIS A 473 26.37 18.07 -15.99
N LEU A 474 25.29 17.60 -15.34
CA LEU A 474 24.02 18.31 -15.37
C LEU A 474 24.19 19.73 -14.82
N LYS A 475 25.03 19.88 -13.78
CA LYS A 475 25.27 21.17 -13.16
C LYS A 475 26.01 22.11 -14.13
N THR A 476 26.99 21.57 -14.87
CA THR A 476 27.83 22.41 -15.71
C THR A 476 27.07 22.92 -16.93
N ILE A 477 26.08 22.16 -17.42
CA ILE A 477 25.23 22.58 -18.53
C ILE A 477 23.93 23.24 -18.02
N ASN A 478 23.93 23.71 -16.77
CA ASN A 478 22.85 24.53 -16.24
C ASN A 478 21.54 23.73 -16.19
N GLN A 479 21.63 22.47 -15.79
CA GLN A 479 20.46 21.62 -15.61
C GLN A 479 20.48 21.03 -14.20
N GLU A 480 20.81 21.88 -13.22
CA GLU A 480 20.92 21.49 -11.83
C GLU A 480 19.60 20.92 -11.35
N SER A 481 18.47 21.40 -11.88
CA SER A 481 17.16 20.94 -11.44
C SER A 481 16.92 19.47 -11.80
N CYS A 482 17.73 18.89 -12.70
CA CYS A 482 17.57 17.49 -13.07
C CYS A 482 18.22 16.49 -12.10
N ILE A 483 19.03 16.98 -11.16
CA ILE A 483 19.77 16.10 -10.26
C ILE A 483 18.82 15.35 -9.33
N GLU A 484 17.78 16.02 -8.84
CA GLU A 484 16.89 15.39 -7.88
C GLU A 484 16.12 14.26 -8.58
N PRO A 485 15.54 14.47 -9.78
CA PRO A 485 14.93 13.38 -10.53
C PRO A 485 15.90 12.26 -10.93
N LEU A 486 17.17 12.60 -11.15
CA LEU A 486 18.18 11.58 -11.39
C LEU A 486 18.33 10.72 -10.13
N ALA A 487 18.38 11.38 -8.96
CA ALA A 487 18.54 10.69 -7.68
C ALA A 487 17.36 9.77 -7.42
N GLU A 488 16.15 10.25 -7.68
CA GLU A 488 14.96 9.46 -7.48
C GLU A 488 15.01 8.24 -8.39
N SER A 489 15.50 8.43 -9.62
CA SER A 489 15.51 7.35 -10.59
C SER A 489 16.49 6.25 -10.18
N ILE A 490 17.69 6.63 -9.73
CA ILE A 490 18.67 5.67 -9.25
C ILE A 490 18.10 4.95 -8.03
N THR A 491 17.48 5.67 -7.09
CA THR A 491 16.97 5.08 -5.85
C THR A 491 15.93 4.01 -6.21
N ASP A 492 15.05 4.33 -7.15
N ASP A 492 15.03 4.34 -7.13
CA ASP A 492 13.96 3.44 -7.49
CA ASP A 492 13.96 3.43 -7.55
C ASP A 492 14.51 2.11 -8.05
C ASP A 492 14.55 2.11 -8.02
N VAL A 493 15.48 2.19 -8.97
CA VAL A 493 16.09 1.01 -9.54
C VAL A 493 16.77 0.20 -8.44
N LEU A 494 17.47 0.90 -7.53
CA LEU A 494 18.24 0.22 -6.49
C LEU A 494 17.30 -0.57 -5.57
N VAL A 495 16.29 0.13 -5.00
CA VAL A 495 15.52 -0.42 -3.90
C VAL A 495 14.53 -1.45 -4.43
N ARG A 496 14.12 -1.35 -5.69
CA ARG A 496 13.21 -2.33 -6.27
C ARG A 496 13.96 -3.60 -6.62
N THR A 497 15.07 -3.46 -7.36
CA THR A 497 15.76 -4.62 -7.90
C THR A 497 16.54 -5.34 -6.81
N LYS A 498 16.91 -4.64 -5.73
CA LYS A 498 17.80 -5.23 -4.73
C LYS A 498 17.17 -5.28 -3.35
N ARG A 499 15.87 -5.01 -3.27
CA ARG A 499 15.15 -4.99 -2.00
C ARG A 499 15.58 -6.11 -1.03
N ASP A 500 15.44 -7.38 -1.45
CA ASP A 500 15.65 -8.48 -0.52
C ASP A 500 17.12 -8.56 -0.07
N TRP A 501 18.05 -8.34 -1.00
CA TRP A 501 19.46 -8.34 -0.65
C TRP A 501 19.77 -7.24 0.37
N LEU A 502 19.21 -6.04 0.13
CA LEU A 502 19.44 -4.87 0.96
C LEU A 502 18.95 -5.13 2.38
N VAL A 503 17.73 -5.64 2.52
CA VAL A 503 17.19 -5.95 3.83
C VAL A 503 18.06 -7.00 4.53
N LYS A 504 18.52 -8.03 3.79
CA LYS A 504 19.42 -9.03 4.36
C LYS A 504 20.69 -8.39 4.94
N GLN A 505 21.14 -7.25 4.41
CA GLN A 505 22.41 -6.67 4.87
C GLN A 505 22.17 -5.73 6.04
N ARG A 506 20.91 -5.66 6.48
CA ARG A 506 20.49 -4.68 7.46
C ARG A 506 20.60 -3.30 6.82
N GLY A 507 20.34 -3.23 5.52
CA GLY A 507 20.30 -1.96 4.80
C GLY A 507 21.65 -1.26 4.80
N TRP A 508 21.61 0.07 4.94
CA TRP A 508 22.78 0.90 4.82
C TRP A 508 23.72 0.74 6.01
N ASP A 509 23.24 0.19 7.13
CA ASP A 509 24.13 -0.22 8.21
C ASP A 509 25.13 -1.29 7.73
N GLY A 510 24.66 -2.25 6.91
CA GLY A 510 25.54 -3.24 6.30
C GLY A 510 26.67 -2.59 5.48
N PHE A 511 26.31 -1.54 4.74
CA PHE A 511 27.25 -0.84 3.90
C PHE A 511 28.37 -0.21 4.73
N VAL A 512 27.98 0.50 5.78
CA VAL A 512 28.94 1.15 6.67
C VAL A 512 29.84 0.09 7.32
N GLU A 513 29.26 -1.03 7.74
CA GLU A 513 30.01 -2.16 8.27
C GLU A 513 30.98 -2.71 7.23
N PHE A 514 30.51 -2.97 6.01
CA PHE A 514 31.33 -3.63 5.01
C PHE A 514 32.60 -2.84 4.69
N PHE A 515 32.54 -1.51 4.66
CA PHE A 515 33.72 -0.73 4.30
C PHE A 515 34.38 -0.12 5.54
N HIS A 516 34.11 -0.70 6.71
CA HIS A 516 34.83 -0.35 7.93
C HIS A 516 36.29 -0.80 7.79
C1 GLC B . -9.76 -5.99 1.22
C2 GLC B . -9.60 -4.47 1.32
C3 GLC B . -8.21 -4.01 0.95
C4 GLC B . -7.18 -4.82 1.72
C5 GLC B . -7.37 -6.33 1.56
C6 GLC B . -6.45 -7.16 2.43
O1 GLC B . -9.77 -6.40 -0.09
O2 GLC B . -10.54 -3.86 0.44
O3 GLC B . -8.13 -2.62 1.29
O4 GLC B . -5.87 -4.45 1.24
O5 GLC B . -8.71 -6.67 1.94
O6 GLC B . -6.37 -8.52 2.06
H1 GLC B . -10.63 -6.23 1.63
H2 GLC B . -9.80 -4.20 2.24
H3 GLC B . -8.07 -4.12 -0.03
H4 GLC B . -7.24 -4.60 2.69
H5 GLC B . -7.23 -6.58 0.61
H61 GLC B . -6.78 -7.11 3.37
H62 GLC B . -5.56 -6.77 2.41
HO1 GLC B . -10.37 -6.00 -0.50
HO2 GLC B . -10.47 -3.04 0.49
HO3 GLC B . -7.37 -2.34 1.09
HO6 GLC B . -5.84 -8.94 2.57
C1 GLC B . -5.17 -3.58 2.08
C2 GLC B . -4.52 -2.53 1.18
C3 GLC B . -3.54 -3.26 0.25
C4 GLC B . -2.54 -4.11 1.06
C5 GLC B . -3.28 -5.04 2.05
C6 GLC B . -2.35 -5.69 3.04
O2 GLC B . -5.48 -1.76 0.46
O3 GLC B . -2.94 -2.29 -0.63
O4 GLC B . -1.68 -4.89 0.23
O5 GLC B . -4.20 -4.27 2.86
O6 GLC B . -2.90 -6.74 3.79
H1 GLC B . -5.81 -3.13 2.69
H2 GLC B . -3.99 -1.93 1.74
H3 GLC B . -4.07 -3.88 -0.32
H4 GLC B . -1.96 -3.50 1.58
H5 GLC B . -3.78 -5.74 1.54
H61 GLC B . -1.57 -6.04 2.55
H62 GLC B . -2.02 -5.00 3.66
HO2 GLC B . -5.08 -1.20 -0.02
HO3 GLC B . -2.40 -2.69 -1.15
HO4 GLC B . -1.15 -5.34 0.70
HO6 GLC B . -2.31 -7.05 4.31
C1 A1ALT C . 27.29 -7.65 -15.52
O1 A1ALT C . 27.72 -7.88 -14.17
C2 A1ALT C . 28.36 -6.87 -13.50
C3 A1ALT C . 28.49 -5.58 -14.00
C4 A1ALT C . 29.16 -4.60 -13.29
N1 A1ALT C . 29.23 -3.28 -13.85
C5 A1ALT C . 30.34 -2.94 -14.75
C6 A1ALT C . 29.92 -1.93 -15.84
C7 A1ALT C . 29.06 -2.59 -16.91
N2 A1ALT C . 29.19 -0.83 -15.22
C8 A1ALT C . 28.36 -1.06 -14.12
C9 A1ALT C . 27.75 0.17 -13.76
C10 A1ALT C . 26.81 0.43 -12.63
C11 A1ALT C . 25.38 -0.02 -12.93
C12 A1ALT C . 24.69 0.94 -13.86
O2 A1ALT C . 24.94 2.27 -13.37
C13 A1ALT C . 24.32 3.30 -14.03
C14 A1ALT C . 24.01 3.21 -15.37
C15 A1ALT C . 23.36 4.26 -16.03
C16 A1ALT C . 23.01 4.12 -17.50
C17 A1ALT C . 23.03 5.39 -15.27
CL1 A1ALT C . 22.25 6.75 -16.05
C18 A1ALT C . 23.36 5.52 -13.92
C19 A1ALT C . 23.02 6.77 -13.14
C20 A1ALT C . 24.01 4.45 -13.31
C21 A1ALT C . 28.21 1.14 -14.70
C22 A1ALT C . 27.95 2.51 -14.83
C23 A1ALT C . 28.55 3.21 -15.85
C24 A1ALT C . 29.41 2.57 -16.73
CL2 A1ALT C . 30.10 3.51 -18.00
C25 A1ALT C . 29.72 1.22 -16.63
C26 A1ALT C . 30.65 0.60 -17.59
C27 A1ALT C . 32.04 0.33 -17.38
C28 A1ALT C . 32.88 0.55 -16.18
N3 A1ALT C . 32.57 -0.19 -18.47
N4 A1ALT C . 31.54 -0.28 -19.38
C29 A1ALT C . 31.79 -0.85 -20.71
C30 A1ALT C . 30.39 0.19 -18.89
C31 A1ALT C . 29.12 0.25 -19.67
C32 A1ALT C . 29.11 0.49 -15.59
C33 A1ALT C . 28.24 -2.37 -13.51
O3 A1ALT C . 27.32 -2.67 -12.72
C34 A1ALT C . 29.73 -4.89 -12.03
C35 A1ALT C . 29.60 -6.21 -11.52
C36 A1ALT C . 30.24 -6.23 -10.27
C37 A1ALT C . 30.77 -4.98 -10.05
C38 A1ALT C . 31.54 -4.61 -8.84
O4 A1ALT C . 31.79 -3.39 -8.62
O5 A1ALT C . 31.88 -5.55 -8.10
N5 A1ALT C . 30.45 -4.15 -11.11
C39 A1ALT C . 30.83 -2.74 -11.27
C40 A1ALT C . 28.92 -7.20 -12.25
O6 A1ALT C . 28.81 -8.46 -11.73
C41 A1ALT C . 29.80 -9.37 -12.22
H2 A1ALT C . 26.94 -8.48 -15.88
H3 A1ALT C . 28.04 -7.35 -16.05
H1 A1ALT C . 26.60 -6.97 -15.51
H4 A1ALT C . 28.11 -5.36 -14.83
H6 A1ALT C . 31.08 -2.56 -14.23
H5 A1ALT C . 30.67 -3.76 -15.19
H7 A1ALT C . 30.73 -1.58 -16.27
H9 A1ALT C . 28.28 -2.98 -16.51
H10 A1ALT C . 29.56 -3.26 -17.36
H8 A1ALT C . 28.78 -1.93 -17.55
H11 A1ALT C . 26.80 1.38 -12.42
H12 A1ALT C . 27.12 -0.04 -11.83
H13 A1ALT C . 24.88 -0.08 -12.09
H14 A1ALT C . 25.40 -0.91 -13.33
H15 A1ALT C . 23.72 0.77 -13.89
H16 A1ALT C . 25.04 0.84 -14.76
H17 A1ALT C . 24.21 2.43 -15.85
H19 A1ALT C . 22.88 3.18 -17.73
H20 A1ALT C . 23.76 4.45 -18.04
H18 A1ALT C . 22.23 4.63 -17.71
H21 A1ALT C . 22.86 6.54 -12.21
H22 A1ALT C . 22.22 7.19 -13.52
H23 A1ALT C . 23.76 7.40 -13.19
H24 A1ALT C . 24.22 4.50 -12.38
H25 A1ALT C . 27.36 2.94 -14.24
H26 A1ALT C . 28.36 4.12 -15.96
H27 A1ALT C . 33.58 -0.10 -16.14
H28 A1ALT C . 32.33 0.47 -15.37
H29 A1ALT C . 33.25 1.44 -16.19
H31 A1ALT C . 32.48 -1.47 -20.66
H32 A1ALT C . 32.00 -0.13 -21.31
H30 A1ALT C . 30.97 -1.27 -21.02
H34 A1ALT C . 29.07 -0.48 -20.28
H35 A1ALT C . 29.05 1.09 -20.12
H33 A1ALT C . 28.35 0.17 -19.04
H36 A1ALT C . 30.33 -6.97 -9.69
H37 A1ALT C . 30.92 -2.53 -12.19
H38 A1ALT C . 31.66 -2.58 -10.80
H39 A1ALT C . 30.14 -2.18 -10.86
H41 A1ALT C . 29.66 -10.24 -11.83
H42 A1ALT C . 30.69 -9.04 -11.98
H40 A1ALT C . 29.73 -9.43 -13.19
#